data_1PJP
#
_entry.id   1PJP
#
_cell.length_a   74.370
_cell.length_b   74.370
_cell.length_c   50.090
_cell.angle_alpha   90.00
_cell.angle_beta   90.00
_cell.angle_gamma   90.00
#
_symmetry.space_group_name_H-M   'P 43'
#
loop_
_entity.id
_entity.type
_entity.pdbx_description
1 polymer Chymase
2 polymer 'SUCCINYL-ALA-ALA-PRO-PHE-CHLOROMETHYLKETONE INHIBITOR'
3 non-polymer 2-acetamido-2-deoxy-beta-D-glucopyranose
4 non-polymer 'ZINC ION'
5 water water
#
loop_
_entity_poly.entity_id
_entity_poly.type
_entity_poly.pdbx_seq_one_letter_code
_entity_poly.pdbx_strand_id
1 'polypeptide(L)'
;IIGGTECKPHSRPYMAYLEIVTSNGPSKFCGGFLIRRNFVLTAAHCAGRSITVTLGAHNITEEEDTWQKLEVIKQFRHPK
YNTSTLHHDIMLLKLKEKASLTLAVGTLPFPSQKNFVPPGRMCRVAGWGRTGVLKPGSDTLQEVKLRLMDPQACSHFRDF
DHNLQLCVGNPRKTKSAFKGDSGGPLLCAGAAQGIVSYGRSDAKPPAVFTRISHYQPWINQILQAN
;
A
2 'polypeptide(L)' (X5P)AP(HPH)(0QE) I
#
loop_
_chem_comp.id
_chem_comp.type
_chem_comp.name
_chem_comp.formula
0QE non-polymer chloromethane 'C H3 Cl'
HPH peptide-like (2S)-2-amino-3-phenylpropane-1,1-diol 'C9 H13 N O2'
NAG D-saccharide, beta linking 2-acetamido-2-deoxy-beta-D-glucopyranose 'C8 H15 N O6'
ZN non-polymer 'ZINC ION' 'Zn 2'
#
# COMPACT_ATOMS: atom_id res chain seq x y z
N ILE A 1 -5.83 9.35 -0.91
CA ILE A 1 -6.38 9.38 0.47
C ILE A 1 -7.50 10.42 0.49
N ILE A 2 -8.67 9.99 0.96
CA ILE A 2 -9.83 10.86 1.04
C ILE A 2 -10.04 11.30 2.47
N GLY A 3 -10.16 12.61 2.67
CA GLY A 3 -10.38 13.16 3.98
C GLY A 3 -9.18 13.07 4.89
N GLY A 4 -8.00 12.97 4.30
CA GLY A 4 -6.78 12.89 5.09
C GLY A 4 -6.08 14.23 5.17
N THR A 5 -4.92 14.23 5.82
CA THR A 5 -4.12 15.44 5.99
C THR A 5 -2.71 15.18 5.51
N GLU A 6 -2.07 16.20 4.98
CA GLU A 6 -0.69 16.09 4.48
C GLU A 6 0.23 15.70 5.63
N CYS A 7 1.12 14.75 5.37
CA CYS A 7 2.06 14.30 6.39
C CYS A 7 3.17 15.31 6.59
N LYS A 8 3.83 15.25 7.74
CA LYS A 8 4.98 16.11 8.01
C LYS A 8 5.99 15.50 7.03
N PRO A 9 6.64 16.33 6.20
CA PRO A 9 7.62 15.83 5.24
C PRO A 9 8.60 14.83 5.81
N HIS A 10 8.68 13.66 5.16
CA HIS A 10 9.58 12.57 5.54
C HIS A 10 9.29 11.85 6.87
N SER A 11 8.09 12.05 7.43
CA SER A 11 7.76 11.40 8.69
C SER A 11 7.43 9.92 8.53
N ARG A 12 7.33 9.47 7.28
CA ARG A 12 7.04 8.07 6.94
C ARG A 12 8.13 7.64 5.96
N PRO A 13 9.38 7.56 6.43
CA PRO A 13 10.56 7.18 5.64
C PRO A 13 10.53 5.92 4.80
N TYR A 14 9.65 4.99 5.14
CA TYR A 14 9.53 3.72 4.42
C TYR A 14 8.62 3.79 3.20
N MET A 15 7.86 4.87 3.07
CA MET A 15 6.93 5.00 1.93
C MET A 15 7.61 5.08 0.57
N ALA A 16 7.11 4.27 -0.35
CA ALA A 16 7.64 4.21 -1.70
C ALA A 16 6.58 4.67 -2.69
N TYR A 17 6.99 5.48 -3.65
CA TYR A 17 6.08 5.96 -4.69
C TYR A 17 6.47 5.14 -5.92
N LEU A 18 5.50 4.46 -6.53
CA LEU A 18 5.78 3.62 -7.70
C LEU A 18 5.20 4.15 -8.99
N GLU A 19 6.04 4.20 -10.03
CA GLU A 19 5.59 4.61 -11.35
C GLU A 19 5.65 3.35 -12.14
N ILE A 20 4.50 2.92 -12.62
CA ILE A 20 4.36 1.67 -13.35
C ILE A 20 4.15 1.86 -14.84
N VAL A 21 4.97 1.19 -15.64
CA VAL A 21 4.88 1.28 -17.07
C VAL A 21 4.13 0.06 -17.57
N THR A 22 3.07 0.31 -18.33
CA THR A 22 2.27 -0.74 -18.93
C THR A 22 2.60 -0.67 -20.42
N SER A 23 2.16 -1.66 -21.17
CA SER A 23 2.44 -1.72 -22.61
C SER A 23 1.56 -0.85 -23.51
N ASN A 24 0.24 -0.94 -23.33
CA ASN A 24 -0.68 -0.18 -24.17
C ASN A 24 -1.32 1.04 -23.52
N GLY A 25 -0.56 1.81 -22.76
CA GLY A 25 -1.17 2.98 -22.15
C GLY A 25 -0.20 3.82 -21.36
N PRO A 26 -0.62 5.00 -20.86
CA PRO A 26 0.22 5.90 -20.07
C PRO A 26 0.61 5.22 -18.76
N SER A 27 1.56 5.80 -18.04
CA SER A 27 2.01 5.22 -16.80
C SER A 27 0.96 5.29 -15.69
N LYS A 28 1.06 4.34 -14.76
CA LYS A 28 0.16 4.25 -13.61
C LYS A 28 1.02 4.43 -12.36
N PHE A 29 0.38 4.60 -11.21
CA PHE A 29 1.13 4.76 -9.97
C PHE A 29 0.45 4.07 -8.79
N CYS A 30 1.24 3.77 -7.77
CA CYS A 30 0.76 3.12 -6.56
C CYS A 30 1.74 3.47 -5.44
N GLY A 31 1.40 3.01 -4.24
CA GLY A 31 2.27 3.22 -3.11
C GLY A 31 2.95 1.88 -2.85
N GLY A 32 3.66 1.79 -1.75
CA GLY A 32 4.35 0.56 -1.38
C GLY A 32 5.24 0.92 -0.21
N PHE A 33 5.95 -0.03 0.35
CA PHE A 33 6.84 0.31 1.46
C PHE A 33 8.09 -0.55 1.52
N LEU A 34 9.19 0.09 1.90
CA LEU A 34 10.50 -0.56 2.01
C LEU A 34 10.54 -1.47 3.24
N ILE A 35 10.70 -2.78 3.03
CA ILE A 35 10.78 -3.73 4.14
C ILE A 35 12.21 -4.24 4.36
N ARG A 36 13.02 -4.13 3.30
CA ARG A 36 14.45 -4.48 3.32
C ARG A 36 15.06 -3.39 2.45
N ARG A 37 16.35 -3.11 2.62
CA ARG A 37 17.00 -2.08 1.82
C ARG A 37 16.82 -2.26 0.32
N ASN A 38 16.59 -3.49 -0.13
CA ASN A 38 16.39 -3.74 -1.55
C ASN A 38 15.07 -4.44 -1.86
N PHE A 39 14.11 -4.31 -0.96
CA PHE A 39 12.80 -4.95 -1.19
C PHE A 39 11.66 -4.04 -0.78
N VAL A 40 10.73 -3.87 -1.71
CA VAL A 40 9.54 -3.05 -1.50
C VAL A 40 8.32 -3.96 -1.61
N LEU A 41 7.42 -3.85 -0.64
CA LEU A 41 6.19 -4.64 -0.63
C LEU A 41 5.07 -3.76 -1.17
N THR A 42 4.24 -4.34 -2.04
CA THR A 42 3.14 -3.57 -2.62
C THR A 42 1.99 -4.48 -3.04
N ALA A 43 1.03 -3.92 -3.79
CA ALA A 43 -0.12 -4.69 -4.27
C ALA A 43 0.17 -5.32 -5.63
N ALA A 44 -0.27 -6.57 -5.81
CA ALA A 44 -0.06 -7.28 -7.07
C ALA A 44 -0.70 -6.58 -8.26
N HIS A 45 -1.83 -5.93 -8.03
CA HIS A 45 -2.52 -5.23 -9.13
C HIS A 45 -1.74 -4.02 -9.62
N CYS A 46 -0.62 -3.72 -8.97
CA CYS A 46 0.22 -2.62 -9.36
C CYS A 46 1.34 -3.08 -10.26
N ALA A 47 1.33 -4.35 -10.66
CA ALA A 47 2.36 -4.89 -11.54
C ALA A 47 2.30 -4.26 -12.93
N GLY A 48 3.42 -4.30 -13.65
CA GLY A 48 3.46 -3.73 -14.98
C GLY A 48 4.67 -4.26 -15.71
N ARG A 49 4.98 -3.66 -16.85
CA ARG A 49 6.14 -4.07 -17.65
C ARG A 49 7.42 -3.77 -16.86
N SER A 50 7.49 -2.58 -16.29
CA SER A 50 8.63 -2.20 -15.47
C SER A 50 8.15 -1.17 -14.46
N ILE A 51 8.83 -1.10 -13.33
CA ILE A 51 8.45 -0.19 -12.26
C ILE A 51 9.69 0.54 -11.77
N THR A 52 9.52 1.83 -11.48
CA THR A 52 10.59 2.64 -10.93
C THR A 52 10.07 3.08 -9.58
N VAL A 53 10.92 3.01 -8.56
CA VAL A 53 10.55 3.37 -7.21
C VAL A 53 11.23 4.66 -6.79
N THR A 54 10.51 5.52 -6.07
CA THR A 54 11.07 6.76 -5.56
C THR A 54 10.89 6.76 -4.05
N LEU A 55 12.02 6.78 -3.36
CA LEU A 55 12.04 6.79 -1.91
C LEU A 55 12.50 8.18 -1.50
N GLY A 56 12.16 8.59 -0.29
CA GLY A 56 12.55 9.90 0.22
C GLY A 56 11.70 11.08 -0.24
N ALA A 57 10.60 10.79 -0.92
CA ALA A 57 9.73 11.82 -1.44
C ALA A 57 8.60 12.31 -0.53
N HIS A 58 8.20 13.55 -0.77
CA HIS A 58 7.07 14.13 -0.06
C HIS A 58 6.21 14.67 -1.20
N ASN A 59 6.62 15.79 -1.78
CA ASN A 59 5.90 16.38 -2.90
C ASN A 59 6.59 15.75 -4.10
N ILE A 60 5.92 14.82 -4.76
CA ILE A 60 6.53 14.14 -5.89
C ILE A 60 6.80 14.93 -7.18
N THR A 61 6.44 16.22 -7.19
CA THR A 61 6.70 17.02 -8.38
C THR A 61 8.03 17.76 -8.24
N GLU A 62 8.43 18.04 -7.00
CA GLU A 62 9.69 18.74 -6.73
C GLU A 62 10.81 17.84 -6.18
N GLU A 63 11.80 17.57 -7.01
CA GLU A 63 12.93 16.74 -6.61
C GLU A 63 13.80 17.44 -5.57
N GLU A 64 14.29 16.67 -4.61
CA GLU A 64 15.13 17.19 -3.55
C GLU A 64 16.25 16.18 -3.26
N ASP A 65 17.17 16.55 -2.38
CA ASP A 65 18.29 15.69 -2.04
C ASP A 65 17.92 14.35 -1.40
N THR A 66 16.75 14.29 -0.76
CA THR A 66 16.29 13.06 -0.12
C THR A 66 15.87 11.96 -1.09
N TRP A 67 15.60 12.33 -2.34
CA TRP A 67 15.16 11.37 -3.34
C TRP A 67 16.16 10.29 -3.72
N GLN A 68 15.63 9.08 -3.90
CA GLN A 68 16.40 7.92 -4.33
C GLN A 68 15.45 7.22 -5.28
N LYS A 69 15.70 7.33 -6.58
CA LYS A 69 14.87 6.68 -7.59
C LYS A 69 15.57 5.39 -7.96
N LEU A 70 14.97 4.26 -7.62
CA LEU A 70 15.58 2.97 -7.86
C LEU A 70 14.88 2.12 -8.89
N GLU A 71 15.69 1.43 -9.67
CA GLU A 71 15.22 0.54 -10.71
C GLU A 71 14.77 -0.77 -10.08
N VAL A 72 13.65 -1.31 -10.55
CA VAL A 72 13.16 -2.58 -10.05
C VAL A 72 13.62 -3.61 -11.09
N ILE A 73 14.31 -4.65 -10.65
CA ILE A 73 14.79 -5.65 -11.60
C ILE A 73 13.85 -6.85 -11.75
N LYS A 74 13.11 -7.16 -10.69
CA LYS A 74 12.18 -8.30 -10.70
C LYS A 74 10.94 -8.01 -9.88
N GLN A 75 9.81 -8.52 -10.36
CA GLN A 75 8.52 -8.36 -9.72
C GLN A 75 8.08 -9.75 -9.28
N PHE A 76 7.83 -9.93 -7.99
CA PHE A 76 7.39 -11.21 -7.46
C PHE A 76 5.93 -11.14 -7.02
N ARG A 77 5.03 -11.38 -7.96
CA ARG A 77 3.61 -11.36 -7.65
C ARG A 77 3.25 -12.69 -7.00
N HIS A 78 2.25 -12.67 -6.13
CA HIS A 78 1.80 -13.88 -5.47
C HIS A 78 1.32 -14.82 -6.57
N PRO A 79 1.78 -16.08 -6.56
CA PRO A 79 1.39 -17.07 -7.59
C PRO A 79 -0.11 -17.31 -7.69
N LYS A 80 -0.85 -17.01 -6.61
CA LYS A 80 -2.29 -17.21 -6.60
C LYS A 80 -3.13 -15.96 -6.79
N TYR A 81 -2.47 -14.84 -7.13
CA TYR A 81 -3.19 -13.58 -7.33
C TYR A 81 -4.28 -13.73 -8.38
N ASN A 82 -5.52 -13.45 -8.01
CA ASN A 82 -6.64 -13.59 -8.93
C ASN A 82 -7.18 -12.22 -9.29
N THR A 83 -7.17 -11.92 -10.58
CA THR A 83 -7.65 -10.61 -11.06
C THR A 83 -9.14 -10.37 -10.82
N SER A 84 -9.96 -11.41 -10.97
CA SER A 84 -11.40 -11.26 -10.76
C SER A 84 -11.80 -11.12 -9.30
N THR A 85 -11.23 -11.93 -8.41
CA THR A 85 -11.57 -11.86 -6.98
C THR A 85 -10.69 -10.88 -6.19
N LEU A 86 -9.54 -10.53 -6.77
CA LEU A 86 -8.55 -9.64 -6.15
C LEU A 86 -7.92 -10.28 -4.92
N HIS A 87 -8.02 -11.60 -4.82
CA HIS A 87 -7.43 -12.34 -3.72
C HIS A 87 -5.94 -12.40 -3.92
N HIS A 88 -5.21 -12.38 -2.81
CA HIS A 88 -3.74 -12.45 -2.81
C HIS A 88 -3.15 -11.28 -3.56
N ASP A 89 -3.65 -10.09 -3.24
CA ASP A 89 -3.23 -8.85 -3.88
C ASP A 89 -1.95 -8.36 -3.18
N ILE A 90 -0.88 -9.11 -3.36
CA ILE A 90 0.38 -8.77 -2.71
C ILE A 90 1.53 -9.08 -3.67
N MET A 91 2.54 -8.21 -3.69
CA MET A 91 3.67 -8.36 -4.58
C MET A 91 4.95 -7.81 -3.96
N LEU A 92 6.07 -8.47 -4.24
CA LEU A 92 7.37 -8.02 -3.73
C LEU A 92 8.19 -7.50 -4.92
N LEU A 93 8.90 -6.39 -4.72
CA LEU A 93 9.72 -5.81 -5.77
C LEU A 93 11.17 -5.82 -5.33
N LYS A 94 12.03 -6.43 -6.13
CA LYS A 94 13.46 -6.46 -5.83
C LYS A 94 14.14 -5.29 -6.52
N LEU A 95 14.80 -4.46 -5.73
CA LEU A 95 15.47 -3.30 -6.26
C LEU A 95 16.88 -3.64 -6.80
N LYS A 96 17.28 -2.89 -7.81
CA LYS A 96 18.58 -3.04 -8.46
C LYS A 96 19.70 -2.96 -7.43
N GLU A 97 19.58 -2.00 -6.52
CA GLU A 97 20.56 -1.83 -5.47
C GLU A 97 19.88 -1.54 -4.14
N LYS A 98 20.65 -1.66 -3.06
CA LYS A 98 20.12 -1.43 -1.74
C LYS A 98 20.06 0.07 -1.50
N ALA A 99 18.92 0.54 -1.00
CA ALA A 99 18.73 1.96 -0.72
C ALA A 99 19.64 2.42 0.40
N SER A 100 19.90 3.72 0.42
CA SER A 100 20.74 4.30 1.46
C SER A 100 19.79 4.63 2.61
N LEU A 101 20.26 4.45 3.84
CA LEU A 101 19.47 4.74 5.02
C LEU A 101 19.78 6.20 5.36
N THR A 102 18.74 7.03 5.36
CA THR A 102 18.91 8.44 5.64
C THR A 102 17.76 8.81 6.58
N LEU A 103 17.62 10.10 6.89
CA LEU A 103 16.53 10.54 7.75
C LEU A 103 15.21 10.49 6.98
N ALA A 104 15.29 10.41 5.66
CA ALA A 104 14.12 10.38 4.80
C ALA A 104 13.78 8.99 4.27
N VAL A 105 14.75 8.08 4.32
CA VAL A 105 14.55 6.70 3.84
C VAL A 105 14.95 5.68 4.89
N GLY A 106 14.05 4.74 5.16
CA GLY A 106 14.30 3.71 6.16
C GLY A 106 13.33 2.57 5.98
N THR A 107 13.64 1.42 6.56
CA THR A 107 12.78 0.25 6.42
C THR A 107 11.73 0.11 7.52
N LEU A 108 10.65 -0.57 7.17
CA LEU A 108 9.55 -0.89 8.09
C LEU A 108 9.64 -2.37 8.27
N PRO A 109 9.98 -2.82 9.48
CA PRO A 109 10.11 -4.25 9.77
C PRO A 109 8.78 -4.94 9.58
N PHE A 110 8.77 -5.98 8.76
CA PHE A 110 7.55 -6.75 8.57
C PHE A 110 7.70 -7.58 9.88
N PRO A 111 7.19 -6.99 11.00
CA PRO A 111 6.99 -7.11 12.46
C PRO A 111 7.10 -8.42 13.22
N SER A 112 6.22 -8.56 14.21
CA SER A 112 6.12 -9.73 15.05
C SER A 112 4.92 -9.33 15.88
N GLN A 113 3.75 -9.87 15.55
CA GLN A 113 2.51 -9.53 16.29
C GLN A 113 2.10 -10.68 17.20
N LYS A 114 1.95 -10.37 18.48
CA LYS A 114 1.58 -11.37 19.47
C LYS A 114 0.13 -11.80 19.28
N ASN A 115 -0.74 -10.85 18.98
CA ASN A 115 -2.16 -11.12 18.75
C ASN A 115 -2.65 -10.26 17.59
N PHE A 116 -3.70 -10.73 16.92
CA PHE A 116 -4.27 -10.03 15.78
C PHE A 116 -4.96 -8.74 16.22
N VAL A 117 -4.86 -7.71 15.40
CA VAL A 117 -5.46 -6.42 15.70
C VAL A 117 -7.00 -6.51 15.71
N PRO A 118 -7.64 -6.16 16.85
CA PRO A 118 -9.10 -6.21 17.00
C PRO A 118 -9.86 -5.05 16.35
N PRO A 119 -11.03 -5.33 15.74
CA PRO A 119 -11.83 -4.26 15.11
C PRO A 119 -12.11 -3.22 16.20
N GLY A 120 -12.27 -1.97 15.80
CA GLY A 120 -12.52 -0.92 16.76
C GLY A 120 -11.23 -0.14 16.89
N ARG A 121 -10.11 -0.81 16.63
CA ARG A 121 -8.82 -0.17 16.69
C ARG A 121 -8.67 0.83 15.54
N MET A 122 -8.08 1.97 15.84
CA MET A 122 -7.85 3.00 14.84
C MET A 122 -6.44 2.80 14.30
N CYS A 123 -6.32 2.73 12.99
CA CYS A 123 -5.02 2.56 12.35
C CYS A 123 -4.87 3.71 11.38
N ARG A 124 -3.76 3.77 10.67
CA ARG A 124 -3.57 4.85 9.71
C ARG A 124 -2.91 4.37 8.44
N VAL A 125 -3.20 5.04 7.34
CA VAL A 125 -2.65 4.71 6.03
C VAL A 125 -2.27 6.00 5.34
N ALA A 126 -1.23 5.95 4.52
CA ALA A 126 -0.74 7.12 3.79
C ALA A 126 -0.61 6.80 2.31
N GLY A 127 -0.70 7.83 1.48
CA GLY A 127 -0.56 7.63 0.05
C GLY A 127 -0.61 8.91 -0.76
N TRP A 128 -0.34 8.77 -2.05
CA TRP A 128 -0.36 9.90 -3.00
C TRP A 128 -1.54 9.67 -3.95
N GLY A 129 -2.52 8.88 -3.53
CA GLY A 129 -3.65 8.60 -4.38
C GLY A 129 -4.62 9.76 -4.49
N ARG A 130 -5.68 9.57 -5.26
CA ARG A 130 -6.70 10.59 -5.44
C ARG A 130 -7.31 10.93 -4.10
N THR A 131 -7.63 12.21 -3.94
CA THR A 131 -8.22 12.73 -2.71
C THR A 131 -9.72 12.92 -2.88
N GLY A 132 -10.25 12.45 -4.02
CA GLY A 132 -11.67 12.56 -4.30
C GLY A 132 -11.98 11.72 -5.51
N VAL A 133 -13.25 11.42 -5.74
CA VAL A 133 -13.64 10.59 -6.89
C VAL A 133 -13.18 11.18 -8.23
N LEU A 134 -13.41 12.48 -8.44
CA LEU A 134 -13.01 13.13 -9.69
C LEU A 134 -11.74 13.96 -9.51
N LYS A 135 -11.10 13.82 -8.35
CA LYS A 135 -9.90 14.56 -8.06
C LYS A 135 -8.68 13.77 -8.51
N PRO A 136 -7.59 14.46 -8.84
CA PRO A 136 -6.36 13.78 -9.28
C PRO A 136 -5.55 13.27 -8.10
N GLY A 137 -4.43 12.61 -8.39
CA GLY A 137 -3.58 12.09 -7.34
C GLY A 137 -2.99 13.27 -6.60
N SER A 138 -2.75 13.11 -5.31
CA SER A 138 -2.17 14.17 -4.50
C SER A 138 -0.68 14.36 -4.82
N ASP A 139 -0.22 15.60 -4.76
CA ASP A 139 1.20 15.92 -5.03
C ASP A 139 2.02 15.50 -3.83
N THR A 140 1.44 15.68 -2.65
CA THR A 140 2.10 15.34 -1.41
C THR A 140 1.53 14.09 -0.75
N LEU A 141 2.32 13.51 0.15
CA LEU A 141 1.90 12.34 0.87
C LEU A 141 0.81 12.73 1.87
N GLN A 142 -0.35 12.08 1.77
CA GLN A 142 -1.48 12.31 2.65
C GLN A 142 -1.61 11.13 3.60
N GLU A 143 -2.14 11.37 4.78
CA GLU A 143 -2.31 10.35 5.80
C GLU A 143 -3.68 10.47 6.48
N VAL A 144 -4.33 9.34 6.72
CA VAL A 144 -5.62 9.36 7.39
C VAL A 144 -5.73 8.23 8.42
N LYS A 145 -6.53 8.46 9.44
CA LYS A 145 -6.75 7.47 10.50
C LYS A 145 -8.08 6.79 10.21
N LEU A 146 -8.06 5.47 10.07
CA LEU A 146 -9.28 4.71 9.77
C LEU A 146 -9.56 3.68 10.86
N ARG A 147 -10.83 3.30 11.00
CA ARG A 147 -11.21 2.32 12.02
C ARG A 147 -11.30 0.93 11.42
N LEU A 148 -10.68 -0.04 12.10
CA LEU A 148 -10.69 -1.43 11.68
C LEU A 148 -12.10 -1.95 11.95
N MET A 149 -12.72 -2.51 10.92
CA MET A 149 -14.09 -2.99 11.02
C MET A 149 -14.25 -4.50 11.13
N ASP A 150 -15.44 -4.90 11.57
CA ASP A 150 -15.79 -6.31 11.69
C ASP A 150 -15.99 -6.71 10.24
N PRO A 151 -15.65 -7.96 9.88
CA PRO A 151 -15.81 -8.43 8.50
C PRO A 151 -17.22 -8.27 7.92
N GLN A 152 -18.24 -8.25 8.77
CA GLN A 152 -19.61 -8.09 8.30
C GLN A 152 -19.76 -6.77 7.55
N ALA A 153 -18.99 -5.77 7.96
CA ALA A 153 -19.03 -4.44 7.35
C ALA A 153 -18.62 -4.43 5.86
N CYS A 154 -17.94 -5.49 5.42
CA CYS A 154 -17.47 -5.62 4.05
C CYS A 154 -18.17 -6.72 3.29
N SER A 155 -19.24 -7.25 3.85
CA SER A 155 -19.98 -8.33 3.20
C SER A 155 -20.39 -8.01 1.77
N HIS A 156 -20.69 -6.74 1.50
CA HIS A 156 -21.10 -6.32 0.15
C HIS A 156 -20.05 -6.56 -0.92
N PHE A 157 -18.80 -6.76 -0.51
CA PHE A 157 -17.72 -7.07 -1.45
C PHE A 157 -17.79 -8.59 -1.48
N ARG A 158 -18.55 -9.12 -2.42
CA ARG A 158 -18.79 -10.54 -2.55
C ARG A 158 -17.61 -11.51 -2.46
N ASP A 159 -16.41 -11.04 -2.76
CA ASP A 159 -15.25 -11.91 -2.70
C ASP A 159 -14.38 -11.63 -1.49
N PHE A 160 -14.85 -10.75 -0.62
CA PHE A 160 -14.10 -10.42 0.58
C PHE A 160 -14.02 -11.69 1.44
N ASP A 161 -12.81 -11.97 1.94
CA ASP A 161 -12.57 -13.13 2.78
C ASP A 161 -11.86 -12.64 4.05
N HIS A 162 -12.52 -12.83 5.18
CA HIS A 162 -12.00 -12.39 6.47
C HIS A 162 -10.61 -12.92 6.81
N ASN A 163 -10.32 -14.13 6.38
CA ASN A 163 -9.03 -14.75 6.67
C ASN A 163 -7.89 -14.15 5.85
N LEU A 164 -8.21 -13.67 4.66
CA LEU A 164 -7.21 -13.09 3.77
C LEU A 164 -7.15 -11.58 3.79
N GLN A 165 -8.22 -10.94 4.23
CA GLN A 165 -8.30 -9.48 4.20
C GLN A 165 -8.84 -8.78 5.44
N LEU A 166 -8.60 -7.47 5.47
CA LEU A 166 -9.04 -6.58 6.54
C LEU A 166 -10.10 -5.65 5.97
N CYS A 167 -11.07 -5.31 6.80
CA CYS A 167 -12.16 -4.41 6.43
C CYS A 167 -11.85 -3.10 7.15
N VAL A 168 -11.50 -2.06 6.41
CA VAL A 168 -11.11 -0.82 7.04
C VAL A 168 -11.89 0.41 6.59
N GLY A 169 -12.34 1.20 7.55
CA GLY A 169 -13.08 2.40 7.22
C GLY A 169 -14.52 2.41 7.69
N ASN A 170 -14.81 3.27 8.66
CA ASN A 170 -16.15 3.42 9.21
C ASN A 170 -17.08 3.97 8.13
N PRO A 171 -18.12 3.22 7.74
CA PRO A 171 -19.05 3.66 6.70
C PRO A 171 -19.79 4.99 7.00
N ARG A 172 -19.81 5.41 8.26
CA ARG A 172 -20.46 6.66 8.64
C ARG A 172 -19.59 7.89 8.39
N LYS A 173 -18.34 7.65 8.03
CA LYS A 173 -17.40 8.73 7.74
C LYS A 173 -17.01 8.65 6.27
N THR A 174 -16.36 9.71 5.77
CA THR A 174 -15.93 9.77 4.38
C THR A 174 -14.47 9.32 4.20
N LYS A 175 -13.67 9.52 5.24
CA LYS A 175 -12.26 9.15 5.23
C LYS A 175 -12.08 7.75 4.67
N SER A 176 -11.11 7.57 3.79
CA SER A 176 -10.85 6.26 3.20
C SER A 176 -9.63 6.28 2.30
N ALA A 177 -9.12 5.10 1.98
CA ALA A 177 -8.01 4.97 1.06
C ALA A 177 -8.74 4.97 -0.27
N PHE A 178 -8.08 5.35 -1.35
CA PHE A 178 -8.74 5.39 -2.65
C PHE A 178 -7.73 5.03 -3.74
N LYS A 179 -8.13 5.17 -5.00
CA LYS A 179 -7.27 4.86 -6.14
C LYS A 179 -5.92 5.55 -6.08
N GLY A 180 -4.85 4.78 -6.29
CA GLY A 180 -3.50 5.31 -6.24
C GLY A 180 -2.84 4.99 -4.91
N ASP A 181 -3.65 4.71 -3.89
CA ASP A 181 -3.14 4.39 -2.56
C ASP A 181 -2.77 2.92 -2.40
N SER A 182 -3.10 2.13 -3.41
CA SER A 182 -2.81 0.70 -3.40
C SER A 182 -1.34 0.42 -3.08
N GLY A 183 -1.11 -0.59 -2.24
CA GLY A 183 0.24 -0.95 -1.86
C GLY A 183 0.72 -0.25 -0.60
N GLY A 184 0.04 0.81 -0.20
CA GLY A 184 0.41 1.52 1.01
C GLY A 184 0.10 0.67 2.23
N PRO A 185 0.95 0.72 3.26
CA PRO A 185 0.70 -0.08 4.46
C PRO A 185 -0.29 0.54 5.42
N LEU A 186 -1.02 -0.31 6.13
CA LEU A 186 -1.97 0.12 7.14
C LEU A 186 -1.24 -0.20 8.44
N LEU A 187 -0.93 0.83 9.23
CA LEU A 187 -0.22 0.62 10.48
C LEU A 187 -1.10 0.78 11.71
N CYS A 188 -1.07 -0.23 12.57
CA CYS A 188 -1.84 -0.20 13.81
C CYS A 188 -0.81 -0.42 14.91
N ALA A 189 -0.79 0.46 15.90
CA ALA A 189 0.17 0.33 17.01
C ALA A 189 1.61 0.45 16.52
N GLY A 190 1.80 1.06 15.35
CA GLY A 190 3.13 1.23 14.80
C GLY A 190 3.60 0.06 13.97
N ALA A 191 2.73 -0.90 13.72
CA ALA A 191 3.10 -2.05 12.93
C ALA A 191 2.19 -2.20 11.72
N ALA A 192 2.76 -2.63 10.60
CA ALA A 192 2.02 -2.84 9.38
C ALA A 192 1.15 -4.07 9.56
N GLN A 193 -0.16 -3.90 9.36
CA GLN A 193 -1.11 -4.99 9.50
C GLN A 193 -1.70 -5.36 8.15
N GLY A 194 -1.80 -4.37 7.27
CA GLY A 194 -2.36 -4.63 5.95
C GLY A 194 -1.77 -3.79 4.84
N ILE A 195 -2.28 -4.02 3.63
CA ILE A 195 -1.86 -3.29 2.42
C ILE A 195 -3.14 -2.85 1.69
N VAL A 196 -3.22 -1.58 1.30
CA VAL A 196 -4.38 -1.08 0.58
C VAL A 196 -4.55 -1.94 -0.67
N SER A 197 -5.75 -2.47 -0.88
CA SER A 197 -6.00 -3.32 -2.04
C SER A 197 -7.10 -2.82 -2.98
N TYR A 198 -8.34 -2.70 -2.48
CA TYR A 198 -9.44 -2.25 -3.34
C TYR A 198 -10.61 -1.68 -2.55
N GLY A 199 -11.56 -1.12 -3.26
CA GLY A 199 -12.72 -0.53 -2.61
C GLY A 199 -13.79 -0.28 -3.66
N ARG A 200 -14.66 0.68 -3.39
CA ARG A 200 -15.74 1.02 -4.32
C ARG A 200 -15.30 2.20 -5.16
N SER A 201 -15.67 2.18 -6.45
CA SER A 201 -15.30 3.26 -7.34
C SER A 201 -15.88 4.62 -6.91
N ASP A 202 -16.92 4.60 -6.08
CA ASP A 202 -17.51 5.84 -5.58
C ASP A 202 -16.86 6.27 -4.28
N ALA A 203 -15.84 5.54 -3.86
CA ALA A 203 -15.05 5.84 -2.68
C ALA A 203 -15.73 5.70 -1.31
N LYS A 204 -16.88 5.04 -1.25
CA LYS A 204 -17.55 4.89 0.04
C LYS A 204 -16.87 3.82 0.90
N PRO A 205 -16.41 4.20 2.10
CA PRO A 205 -15.76 3.21 2.97
C PRO A 205 -16.78 2.15 3.42
N PRO A 206 -16.32 0.98 3.88
CA PRO A 206 -14.92 0.56 4.05
C PRO A 206 -14.26 0.12 2.74
N ALA A 207 -12.94 -0.04 2.83
CA ALA A 207 -12.10 -0.51 1.74
C ALA A 207 -11.53 -1.83 2.24
N VAL A 208 -11.00 -2.63 1.32
CA VAL A 208 -10.40 -3.93 1.63
C VAL A 208 -8.88 -3.88 1.55
N PHE A 209 -8.23 -4.31 2.62
CA PHE A 209 -6.77 -4.35 2.71
C PHE A 209 -6.32 -5.80 2.76
N THR A 210 -5.15 -6.09 2.21
CA THR A 210 -4.60 -7.44 2.25
C THR A 210 -4.07 -7.61 3.68
N ARG A 211 -4.40 -8.74 4.31
CA ARG A 211 -3.96 -9.06 5.66
C ARG A 211 -2.55 -9.63 5.53
N ILE A 212 -1.55 -8.85 5.95
CA ILE A 212 -0.15 -9.24 5.85
C ILE A 212 0.26 -10.53 6.56
N SER A 213 -0.17 -10.68 7.81
CA SER A 213 0.16 -11.85 8.61
C SER A 213 -0.01 -13.16 7.84
N HIS A 214 -1.09 -13.25 7.08
CA HIS A 214 -1.37 -14.44 6.31
C HIS A 214 -0.33 -14.81 5.25
N TYR A 215 0.41 -13.82 4.75
CA TYR A 215 1.41 -14.05 3.70
C TYR A 215 2.84 -14.00 4.21
N GLN A 216 3.00 -13.83 5.52
CA GLN A 216 4.32 -13.77 6.13
C GLN A 216 5.24 -14.91 5.64
N PRO A 217 4.76 -16.17 5.60
CA PRO A 217 5.63 -17.26 5.13
C PRO A 217 6.07 -17.17 3.66
N TRP A 218 5.18 -16.72 2.78
CA TRP A 218 5.50 -16.55 1.36
C TRP A 218 6.53 -15.44 1.20
N ILE A 219 6.31 -14.35 1.94
CA ILE A 219 7.23 -13.21 1.91
C ILE A 219 8.64 -13.67 2.30
N ASN A 220 8.72 -14.40 3.41
CA ASN A 220 10.00 -14.93 3.89
C ASN A 220 10.66 -15.79 2.82
N GLN A 221 9.87 -16.67 2.22
CA GLN A 221 10.32 -17.56 1.18
C GLN A 221 11.06 -16.78 0.08
N ILE A 222 10.39 -15.77 -0.47
CA ILE A 222 10.95 -14.93 -1.53
C ILE A 222 12.22 -14.21 -1.07
N LEU A 223 12.18 -13.64 0.13
CA LEU A 223 13.32 -12.92 0.68
C LEU A 223 14.53 -13.84 0.80
N GLN A 224 14.30 -15.05 1.28
CA GLN A 224 15.37 -16.03 1.46
C GLN A 224 16.01 -16.49 0.16
N ALA A 225 15.25 -16.51 -0.92
CA ALA A 225 15.78 -16.97 -2.20
C ALA A 225 16.35 -15.89 -3.11
N ASN A 226 16.31 -14.63 -2.66
CA ASN A 226 16.79 -13.52 -3.47
C ASN A 226 17.54 -12.49 -2.63
N X5P B 1 -16.27 -3.55 -7.14
CA X5P B 1 -14.90 -3.61 -6.54
C X5P B 1 -13.90 -3.00 -7.51
O X5P B 1 -13.76 -3.46 -8.65
CB X5P B 1 -14.53 -5.06 -6.23
N ALA B 2 -13.20 -1.95 -7.08
CA ALA B 2 -12.21 -1.27 -7.90
C ALA B 2 -10.83 -1.39 -7.26
N PRO B 3 -9.84 -1.95 -7.98
CA PRO B 3 -8.48 -2.08 -7.45
C PRO B 3 -7.86 -0.70 -7.27
C HPH B 4 -5.05 0.74 -5.94
O HPH B 4 -4.44 1.82 -6.01
CA HPH B 4 -6.59 0.79 -5.79
N HPH B 4 -7.23 -0.48 -6.12
CB HPH B 4 -6.94 1.21 -4.36
CG HPH B 4 -8.39 1.55 -4.13
CD1 HPH B 4 -9.26 1.81 -5.20
CD2 HPH B 4 -8.88 1.62 -2.83
CE1 HPH B 4 -10.59 2.14 -4.97
CE2 HPH B 4 -10.22 1.94 -2.59
CZ HPH B 4 -11.07 2.21 -3.68
C1 0QE B 5 -4.56 -0.12 -7.12
C1 NAG C . 4.28 20.65 -4.84
C2 NAG C . 3.41 21.78 -4.27
C3 NAG C . 2.97 22.73 -5.40
C4 NAG C . 4.21 23.23 -6.15
C5 NAG C . 5.02 22.04 -6.64
C6 NAG C . 6.30 22.46 -7.35
C7 NAG C . 2.12 21.18 -2.32
C8 NAG C . 0.81 20.60 -1.76
N2 NAG C . 2.22 21.24 -3.64
O3 NAG C . 2.26 23.83 -4.84
O4 NAG C . 3.80 24.03 -7.25
O5 NAG C . 5.41 21.20 -5.54
O6 NAG C . 6.83 21.39 -8.13
O7 NAG C . 3.02 21.50 -1.54
C1 NAG D . -10.15 -16.63 -10.30
C2 NAG D . -9.75 -17.78 -11.22
C3 NAG D . -10.96 -18.35 -11.94
C4 NAG D . -11.99 -18.78 -10.89
C5 NAG D . -12.35 -17.59 -10.01
C6 NAG D . -13.32 -17.99 -8.91
C7 NAG D . -7.51 -17.68 -12.14
C8 NAG D . -6.59 -17.13 -13.22
N2 NAG D . -8.79 -17.30 -12.21
O3 NAG D . -10.58 -19.47 -12.72
O4 NAG D . -13.15 -19.28 -11.54
O5 NAG D . -11.16 -17.06 -9.37
O6 NAG D . -13.72 -16.87 -8.12
O7 NAG D . -7.08 -18.43 -11.27
ZN ZN E . 19.05 -3.07 -14.68
#